data_1AB8
#
_entry.id   1AB8
#
_cell.length_a   81.300
_cell.length_b   81.300
_cell.length_c   180.500
_cell.angle_alpha   90.00
_cell.angle_beta   90.00
_cell.angle_gamma   90.00
#
_symmetry.space_group_name_H-M   'P 43 21 2'
#
loop_
_entity.id
_entity.type
_entity.pdbx_description
1 polymer 'ADENYLYL CYCLASE'
2 non-polymer FORSKOLIN
3 water water
#
_entity_poly.entity_id   1
_entity_poly.type   'polypeptide(L)'
_entity_poly.pdbx_seq_one_letter_code
;SLKNEELYHQSYDCVCVMFASIPDFKEFYTESDVNKEGLECLRLLNEIIADFDDLLSKPKFSGVEKIKTIGSTYMAATGL
SAIPSQEHAQEPERQYMHIGTMVEFAYALVGKLDAINKHSFNDFKLRVGINHGPVIAGVIGAQKPQYDIWGNTVNVASRM
DSTGVLDKIQVTEETSLILQTLGYTCTCRGIINVKGKGDLKTYFVNTEMSRSLSQSNLAS
;
_entity_poly.pdbx_strand_id   A,B
#
# COMPACT_ATOMS: atom_id res chain seq x y z
N LEU A 7 7.46 -17.80 -8.20
CA LEU A 7 7.01 -17.18 -6.93
C LEU A 7 7.90 -17.57 -5.73
N TYR A 8 8.89 -16.74 -5.42
CA TYR A 8 9.74 -17.03 -4.27
C TYR A 8 8.89 -16.68 -3.10
N HIS A 9 8.92 -17.54 -2.10
CA HIS A 9 8.15 -17.37 -0.88
C HIS A 9 8.82 -18.15 0.22
N GLN A 10 8.47 -17.80 1.44
CA GLN A 10 8.99 -18.43 2.64
C GLN A 10 7.82 -18.44 3.60
N SER A 11 7.86 -19.34 4.57
CA SER A 11 6.76 -19.41 5.52
C SER A 11 7.29 -19.21 6.91
N TYR A 12 6.53 -18.48 7.71
CA TYR A 12 6.92 -18.18 9.09
C TYR A 12 5.72 -18.36 9.97
N ASP A 13 5.93 -18.85 11.18
CA ASP A 13 4.80 -18.95 12.06
C ASP A 13 5.14 -18.05 13.22
N CYS A 14 4.12 -17.42 13.77
CA CYS A 14 4.29 -16.51 14.88
C CYS A 14 5.23 -15.35 14.57
N VAL A 15 4.73 -14.39 13.81
CA VAL A 15 5.49 -13.16 13.51
C VAL A 15 4.54 -12.04 13.89
N CYS A 16 5.08 -11.05 14.59
CA CYS A 16 4.27 -9.92 15.00
C CYS A 16 4.35 -8.85 13.90
N VAL A 17 3.20 -8.52 13.33
CA VAL A 17 3.11 -7.51 12.28
C VAL A 17 2.34 -6.27 12.73
N MET A 18 2.94 -5.10 12.50
CA MET A 18 2.36 -3.81 12.88
C MET A 18 2.08 -2.86 11.75
N PHE A 19 0.90 -2.24 11.79
CA PHE A 19 0.51 -1.23 10.81
C PHE A 19 0.35 0.05 11.61
N ALA A 20 1.37 0.88 11.58
CA ALA A 20 1.36 2.15 12.32
C ALA A 20 1.05 3.32 11.40
N SER A 21 -0.18 3.81 11.44
CA SER A 21 -0.52 4.92 10.58
C SER A 21 -0.81 6.24 11.28
N ILE A 22 -0.66 7.30 10.50
CA ILE A 22 -0.86 8.69 10.89
C ILE A 22 -2.13 9.05 10.13
N PRO A 23 -3.31 8.78 10.71
CA PRO A 23 -4.57 9.08 10.04
C PRO A 23 -4.91 10.54 9.74
N ASP A 24 -4.31 11.50 10.44
CA ASP A 24 -4.64 12.90 10.14
C ASP A 24 -3.76 13.52 9.05
N PHE A 25 -2.72 12.82 8.61
CA PHE A 25 -1.82 13.34 7.59
C PHE A 25 -2.47 13.66 6.26
N LYS A 26 -3.52 12.92 5.90
CA LYS A 26 -4.21 13.15 4.63
C LYS A 26 -4.90 14.51 4.62
N GLU A 27 -5.36 14.93 5.81
CA GLU A 27 -6.04 16.22 6.01
C GLU A 27 -5.01 17.35 5.95
N PHE A 28 -3.90 17.15 6.66
CA PHE A 28 -2.80 18.09 6.70
C PHE A 28 -2.34 18.45 5.30
N TYR A 29 -1.86 17.45 4.56
CA TYR A 29 -1.36 17.65 3.21
C TYR A 29 -2.22 18.61 2.40
N THR A 30 -1.54 19.48 1.66
CA THR A 30 -2.16 20.49 0.79
C THR A 30 -1.16 20.78 -0.30
N GLU A 31 -1.55 21.59 -1.28
CA GLU A 31 -0.65 21.93 -2.36
C GLU A 31 -0.94 23.40 -2.72
N SER A 32 -0.23 24.33 -2.07
CA SER A 32 -0.45 25.75 -2.30
C SER A 32 0.84 26.54 -2.31
N ASP A 33 0.69 27.86 -2.38
CA ASP A 33 1.80 28.82 -2.41
C ASP A 33 2.67 28.71 -1.16
N VAL A 34 2.00 28.73 -0.01
CA VAL A 34 2.64 28.62 1.29
C VAL A 34 2.91 27.15 1.65
N ASN A 35 2.70 26.28 0.68
CA ASN A 35 2.87 24.83 0.84
C ASN A 35 3.83 24.15 -0.18
N LYS A 36 4.21 24.88 -1.22
CA LYS A 36 5.08 24.42 -2.29
C LYS A 36 4.44 23.29 -3.10
N GLU A 37 3.14 23.47 -3.34
CA GLU A 37 2.30 22.52 -4.06
C GLU A 37 2.55 21.09 -3.56
N GLY A 38 2.63 20.95 -2.24
CA GLY A 38 2.82 19.64 -1.63
C GLY A 38 4.23 19.27 -1.20
N LEU A 39 5.22 19.74 -1.94
CA LEU A 39 6.60 19.41 -1.63
C LEU A 39 7.02 19.58 -0.18
N GLU A 40 6.49 20.59 0.51
CA GLU A 40 6.86 20.80 1.91
C GLU A 40 6.28 19.68 2.78
N CYS A 41 5.12 19.17 2.41
CA CYS A 41 4.48 18.08 3.13
C CYS A 41 5.26 16.79 2.94
N LEU A 42 5.66 16.50 1.72
CA LEU A 42 6.41 15.27 1.48
C LEU A 42 7.73 15.28 2.25
N ARG A 43 8.32 16.46 2.40
CA ARG A 43 9.58 16.59 3.12
C ARG A 43 9.36 16.26 4.60
N LEU A 44 8.22 16.67 5.12
CA LEU A 44 7.90 16.38 6.51
C LEU A 44 7.71 14.86 6.63
N LEU A 45 6.89 14.29 5.76
CA LEU A 45 6.64 12.86 5.75
C LEU A 45 7.96 12.12 5.57
N ASN A 46 8.81 12.62 4.69
CA ASN A 46 10.10 11.98 4.47
C ASN A 46 10.91 12.04 5.75
N GLU A 47 10.72 13.12 6.49
CA GLU A 47 11.43 13.30 7.74
C GLU A 47 10.87 12.37 8.81
N ILE A 48 9.56 12.16 8.80
CA ILE A 48 8.91 11.31 9.78
C ILE A 48 9.28 9.86 9.58
N ILE A 49 9.28 9.42 8.32
CA ILE A 49 9.61 8.04 8.02
C ILE A 49 11.07 7.76 8.25
N ALA A 50 11.94 8.64 7.77
CA ALA A 50 13.37 8.39 7.94
C ALA A 50 13.74 8.36 9.39
N ASP A 51 12.96 9.02 10.23
CA ASP A 51 13.24 9.05 11.67
C ASP A 51 12.81 7.72 12.26
N PHE A 52 11.69 7.19 11.79
CA PHE A 52 11.19 5.90 12.26
C PHE A 52 12.21 4.82 11.88
N ASP A 53 12.69 4.87 10.63
CA ASP A 53 13.66 3.91 10.12
C ASP A 53 14.89 3.90 11.00
N ASP A 54 15.27 5.06 11.51
CA ASP A 54 16.44 5.17 12.36
C ASP A 54 16.35 4.35 13.64
N LEU A 55 15.14 3.97 14.05
CA LEU A 55 14.93 3.15 15.24
C LEU A 55 15.40 1.74 14.98
N LEU A 56 15.26 1.30 13.73
CA LEU A 56 15.66 -0.05 13.32
C LEU A 56 17.13 -0.30 13.58
N SER A 57 17.92 0.77 13.67
CA SER A 57 19.36 0.68 13.91
C SER A 57 19.69 0.48 15.36
N LYS A 58 18.68 0.63 16.21
CA LYS A 58 18.88 0.43 17.64
C LYS A 58 18.92 -1.05 17.89
N PRO A 59 19.93 -1.52 18.65
CA PRO A 59 20.08 -2.94 18.97
C PRO A 59 18.80 -3.47 19.59
N LYS A 60 18.16 -2.60 20.36
CA LYS A 60 16.90 -2.88 21.02
C LYS A 60 15.87 -3.41 20.04
N PHE A 61 15.98 -2.99 18.78
CA PHE A 61 15.05 -3.40 17.72
C PHE A 61 15.72 -4.10 16.54
N SER A 62 16.83 -4.79 16.79
CA SER A 62 17.54 -5.48 15.71
C SER A 62 16.67 -6.56 15.09
N GLY A 63 15.67 -7.00 15.85
CA GLY A 63 14.75 -8.02 15.38
C GLY A 63 13.55 -7.45 14.65
N VAL A 64 13.46 -6.13 14.54
CA VAL A 64 12.36 -5.48 13.82
C VAL A 64 12.73 -5.37 12.36
N GLU A 65 11.78 -5.63 11.48
CA GLU A 65 12.03 -5.62 10.04
C GLU A 65 10.96 -4.76 9.39
N LYS A 66 11.39 -3.87 8.52
CA LYS A 66 10.48 -2.98 7.88
C LYS A 66 10.02 -3.63 6.61
N ILE A 67 8.73 -3.87 6.49
CA ILE A 67 8.23 -4.47 5.27
C ILE A 67 8.21 -3.37 4.20
N LYS A 68 7.47 -2.30 4.50
CA LYS A 68 7.32 -1.15 3.63
C LYS A 68 6.50 -0.08 4.34
N THR A 69 6.22 1.01 3.61
CA THR A 69 5.34 2.10 4.07
C THR A 69 4.28 2.15 2.97
N ILE A 70 3.03 2.44 3.31
CA ILE A 70 1.96 2.56 2.31
C ILE A 70 1.47 3.99 2.51
N GLY A 71 1.97 4.92 1.71
CA GLY A 71 1.61 6.30 1.89
C GLY A 71 2.33 6.78 3.14
N SER A 72 1.59 7.07 4.19
CA SER A 72 2.22 7.52 5.42
C SER A 72 2.21 6.41 6.42
N THR A 73 1.57 5.30 6.06
CA THR A 73 1.47 4.14 6.96
C THR A 73 2.76 3.36 6.93
N TYR A 74 3.19 2.93 8.11
CA TYR A 74 4.44 2.17 8.28
C TYR A 74 4.11 0.72 8.57
N MET A 75 4.79 -0.20 7.90
CA MET A 75 4.56 -1.61 8.14
C MET A 75 5.86 -2.28 8.56
N ALA A 76 5.85 -2.91 9.73
CA ALA A 76 7.04 -3.59 10.26
C ALA A 76 6.69 -4.94 10.86
N ALA A 77 7.71 -5.70 11.27
CA ALA A 77 7.45 -7.01 11.82
C ALA A 77 8.62 -7.71 12.48
N THR A 78 8.30 -8.37 13.60
CA THR A 78 9.25 -9.17 14.35
C THR A 78 8.87 -10.62 14.03
N GLY A 79 9.86 -11.49 13.96
CA GLY A 79 9.59 -12.89 13.70
C GLY A 79 9.98 -13.44 12.35
N LEU A 80 10.38 -12.58 11.42
CA LEU A 80 10.76 -13.04 10.10
C LEU A 80 12.19 -13.57 10.10
N SER A 81 12.85 -13.52 11.25
CA SER A 81 14.23 -13.99 11.33
C SER A 81 14.29 -15.38 10.69
N ALA A 82 14.94 -15.48 9.55
CA ALA A 82 15.00 -16.76 8.85
C ALA A 82 16.23 -17.69 9.05
N ILE A 83 16.21 -18.43 10.14
CA ILE A 83 17.26 -19.41 10.45
C ILE A 83 16.52 -20.60 11.08
N PRO A 84 15.82 -21.38 10.25
CA PRO A 84 15.02 -22.56 10.56
C PRO A 84 15.01 -22.96 12.04
N SER A 85 14.16 -22.29 12.81
CA SER A 85 14.04 -22.54 14.24
C SER A 85 12.64 -23.02 14.65
N GLN A 86 11.89 -23.54 13.70
CA GLN A 86 10.54 -24.04 13.97
C GLN A 86 10.19 -25.19 13.02
N GLN A 95 10.47 -16.44 23.16
CA GLN A 95 9.13 -17.10 23.03
C GLN A 95 8.12 -16.15 22.39
N TYR A 96 7.46 -15.37 23.22
CA TYR A 96 6.46 -14.40 22.77
C TYR A 96 7.02 -13.00 23.05
N MET A 97 8.34 -12.96 23.13
CA MET A 97 9.12 -11.77 23.37
C MET A 97 9.01 -10.84 22.18
N HIS A 98 9.13 -11.40 20.98
CA HIS A 98 9.06 -10.62 19.77
C HIS A 98 7.71 -9.92 19.57
N ILE A 99 6.69 -10.31 20.33
CA ILE A 99 5.37 -9.66 20.26
C ILE A 99 5.44 -8.44 21.19
N GLY A 100 6.27 -8.55 22.21
CA GLY A 100 6.46 -7.46 23.14
C GLY A 100 7.39 -6.44 22.54
N THR A 101 8.26 -6.89 21.63
CA THR A 101 9.20 -6.01 20.96
C THR A 101 8.45 -5.09 20.01
N MET A 102 7.42 -5.61 19.39
CA MET A 102 6.63 -4.84 18.45
C MET A 102 5.89 -3.71 19.12
N VAL A 103 5.51 -3.90 20.38
CA VAL A 103 4.81 -2.88 21.14
C VAL A 103 5.78 -1.79 21.57
N GLU A 104 7.02 -2.19 21.86
CA GLU A 104 8.05 -1.25 22.26
C GLU A 104 8.44 -0.40 21.07
N PHE A 105 8.39 -1.00 19.88
CA PHE A 105 8.72 -0.31 18.64
C PHE A 105 7.64 0.74 18.27
N ALA A 106 6.38 0.42 18.53
CA ALA A 106 5.28 1.34 18.24
C ALA A 106 5.31 2.50 19.22
N TYR A 107 5.72 2.23 20.45
CA TYR A 107 5.82 3.30 21.44
C TYR A 107 6.92 4.21 20.92
N ALA A 108 8.00 3.60 20.44
CA ALA A 108 9.13 4.32 19.90
C ALA A 108 8.73 5.13 18.66
N LEU A 109 7.74 4.68 17.91
CA LEU A 109 7.35 5.46 16.73
C LEU A 109 6.63 6.71 17.22
N VAL A 110 5.85 6.54 18.29
CA VAL A 110 5.11 7.65 18.85
C VAL A 110 6.05 8.72 19.35
N GLY A 111 7.03 8.32 20.13
CA GLY A 111 7.99 9.27 20.66
C GLY A 111 8.77 10.01 19.58
N LYS A 112 8.98 9.38 18.44
CA LYS A 112 9.71 10.04 17.35
C LYS A 112 8.78 11.00 16.62
N LEU A 113 7.49 10.63 16.55
CA LEU A 113 6.49 11.47 15.90
C LEU A 113 6.34 12.73 16.74
N ASP A 114 6.44 12.56 18.06
CA ASP A 114 6.32 13.66 19.00
C ASP A 114 7.46 14.63 18.86
N ALA A 115 8.68 14.14 18.84
CA ALA A 115 9.83 15.02 18.66
C ALA A 115 9.69 15.83 17.36
N ILE A 116 8.91 15.31 16.41
CA ILE A 116 8.72 15.99 15.14
C ILE A 116 7.59 17.01 15.21
N ASN A 117 6.56 16.67 15.98
CA ASN A 117 5.45 17.57 16.14
C ASN A 117 5.88 18.86 16.82
N LYS A 118 6.85 18.77 17.75
CA LYS A 118 7.31 19.94 18.48
C LYS A 118 8.37 20.74 17.76
N HIS A 119 8.88 20.21 16.65
CA HIS A 119 9.89 20.91 15.86
C HIS A 119 9.25 21.50 14.58
N SER A 120 8.20 20.86 14.08
CA SER A 120 7.53 21.31 12.87
C SER A 120 6.20 21.99 13.21
N PHE A 121 5.92 22.15 14.50
CA PHE A 121 4.70 22.77 14.98
C PHE A 121 3.45 22.12 14.43
N ASN A 122 3.41 20.81 14.62
CA ASN A 122 2.30 19.96 14.18
C ASN A 122 1.81 19.12 15.32
N ASP A 123 0.63 18.54 15.17
CA ASP A 123 0.05 17.68 16.18
C ASP A 123 -0.37 16.33 15.59
N PHE A 124 0.57 15.62 14.98
CA PHE A 124 0.26 14.32 14.40
C PHE A 124 0.11 13.24 15.45
N LYS A 125 -0.76 12.27 15.17
CA LYS A 125 -0.99 11.16 16.09
C LYS A 125 -0.91 9.80 15.37
N LEU A 126 -0.23 8.84 15.99
CA LEU A 126 -0.10 7.49 15.41
C LEU A 126 -1.25 6.59 15.83
N ARG A 127 -1.72 5.78 14.89
CA ARG A 127 -2.83 4.85 15.14
C ARG A 127 -2.32 3.47 14.73
N VAL A 128 -1.82 2.74 15.72
CA VAL A 128 -1.21 1.43 15.55
C VAL A 128 -2.14 0.23 15.65
N GLY A 129 -1.88 -0.77 14.80
CA GLY A 129 -2.65 -2.01 14.81
C GLY A 129 -1.67 -3.17 14.84
N ILE A 130 -1.65 -3.95 15.92
CA ILE A 130 -0.71 -5.08 16.02
C ILE A 130 -1.44 -6.42 16.11
N ASN A 131 -0.81 -7.45 15.52
CA ASN A 131 -1.33 -8.81 15.54
C ASN A 131 -0.19 -9.77 15.23
N HIS A 132 -0.26 -10.98 15.80
CA HIS A 132 0.78 -11.98 15.57
C HIS A 132 0.15 -13.24 14.97
N GLY A 133 0.96 -14.06 14.33
CA GLY A 133 0.46 -15.28 13.74
C GLY A 133 1.31 -15.76 12.57
N PRO A 134 0.86 -16.82 11.87
CA PRO A 134 1.54 -17.42 10.71
C PRO A 134 1.45 -16.44 9.53
N VAL A 135 2.49 -16.40 8.73
CA VAL A 135 2.56 -15.45 7.62
C VAL A 135 3.34 -16.06 6.46
N ILE A 136 3.11 -15.55 5.27
CA ILE A 136 3.84 -16.01 4.09
C ILE A 136 4.53 -14.77 3.51
N ALA A 137 5.85 -14.68 3.64
CA ALA A 137 6.57 -13.56 3.06
C ALA A 137 6.79 -14.02 1.63
N GLY A 138 6.81 -13.10 0.68
CA GLY A 138 7.01 -13.49 -0.71
C GLY A 138 7.06 -12.29 -1.64
N VAL A 139 7.66 -12.47 -2.82
CA VAL A 139 7.78 -11.41 -3.81
C VAL A 139 6.81 -11.63 -4.97
N ILE A 140 6.04 -10.61 -5.31
CA ILE A 140 5.06 -10.72 -6.40
C ILE A 140 5.37 -9.73 -7.56
N GLY A 141 5.11 -10.17 -8.79
CA GLY A 141 5.31 -9.30 -9.94
C GLY A 141 6.64 -9.36 -10.65
N ALA A 142 6.56 -9.39 -12.00
CA ALA A 142 7.72 -9.43 -12.89
C ALA A 142 8.40 -8.06 -12.87
N GLN A 143 7.66 -7.02 -13.25
CA GLN A 143 8.16 -5.65 -13.21
C GLN A 143 8.09 -5.18 -11.77
N LYS A 144 9.07 -4.39 -11.35
CA LYS A 144 9.15 -3.89 -9.98
C LYS A 144 8.66 -4.93 -8.98
N PRO A 145 9.30 -6.12 -8.96
CA PRO A 145 8.88 -7.17 -8.02
C PRO A 145 8.92 -6.58 -6.60
N GLN A 146 7.97 -6.96 -5.75
CA GLN A 146 7.99 -6.43 -4.41
C GLN A 146 7.65 -7.45 -3.36
N TYR A 147 8.48 -7.48 -2.32
CA TYR A 147 8.33 -8.39 -1.20
C TYR A 147 7.22 -7.99 -0.23
N ASP A 148 6.63 -8.97 0.46
CA ASP A 148 5.64 -8.69 1.49
C ASP A 148 5.54 -9.72 2.55
N ILE A 149 4.41 -9.59 3.22
CA ILE A 149 4.05 -10.46 4.27
C ILE A 149 2.57 -10.55 3.91
N TRP A 150 2.16 -11.73 3.45
CA TRP A 150 0.78 -11.95 3.05
C TRP A 150 0.14 -12.83 4.07
N GLY A 151 -1.18 -12.86 4.10
CA GLY A 151 -1.81 -13.73 5.06
C GLY A 151 -2.98 -13.11 5.77
N ASN A 152 -3.55 -13.86 6.71
CA ASN A 152 -4.67 -13.37 7.48
C ASN A 152 -4.20 -12.66 8.74
N THR A 153 -3.06 -13.06 9.30
CA THR A 153 -2.60 -12.38 10.49
C THR A 153 -2.24 -10.96 10.09
N VAL A 154 -1.85 -10.80 8.82
CA VAL A 154 -1.48 -9.51 8.27
C VAL A 154 -2.73 -8.67 8.02
N ASN A 155 -3.69 -9.23 7.30
CA ASN A 155 -4.92 -8.50 7.03
C ASN A 155 -5.61 -8.14 8.36
N VAL A 156 -5.35 -8.90 9.42
CA VAL A 156 -5.94 -8.59 10.72
C VAL A 156 -5.12 -7.52 11.42
N ALA A 157 -3.79 -7.61 11.30
CA ALA A 157 -2.90 -6.60 11.88
C ALA A 157 -3.36 -5.28 11.27
N SER A 158 -3.55 -5.29 9.96
CA SER A 158 -4.03 -4.13 9.25
C SER A 158 -5.40 -3.70 9.75
N ARG A 159 -6.32 -4.65 9.91
CA ARG A 159 -7.64 -4.26 10.38
C ARG A 159 -7.58 -3.59 11.75
N MET A 160 -6.66 -4.03 12.59
CA MET A 160 -6.51 -3.45 13.92
C MET A 160 -6.17 -1.97 13.80
N ASP A 161 -5.36 -1.65 12.79
CA ASP A 161 -4.94 -0.28 12.52
C ASP A 161 -6.13 0.52 11.96
N SER A 162 -6.65 0.10 10.81
CA SER A 162 -7.75 0.80 10.17
C SER A 162 -9.02 0.99 10.99
N THR A 163 -9.20 0.21 12.05
CA THR A 163 -10.38 0.35 12.90
C THR A 163 -9.89 0.74 14.28
N GLY A 164 -8.63 1.16 14.34
CA GLY A 164 -8.03 1.53 15.59
C GLY A 164 -8.43 2.89 16.08
N VAL A 165 -7.72 3.36 17.09
CA VAL A 165 -7.96 4.67 17.69
C VAL A 165 -6.67 5.47 17.75
N LEU A 166 -6.79 6.76 17.43
CA LEU A 166 -5.64 7.66 17.44
C LEU A 166 -4.86 7.53 18.73
N ASP A 167 -3.54 7.62 18.60
CA ASP A 167 -2.63 7.55 19.73
C ASP A 167 -2.68 6.27 20.56
N LYS A 168 -3.42 5.28 20.04
CA LYS A 168 -3.56 3.99 20.71
C LYS A 168 -3.12 2.81 19.84
N ILE A 169 -2.83 1.69 20.49
CA ILE A 169 -2.42 0.45 19.82
C ILE A 169 -3.56 -0.53 19.97
N GLN A 170 -4.28 -0.84 18.90
CA GLN A 170 -5.34 -1.82 19.01
C GLN A 170 -4.73 -3.20 18.82
N VAL A 171 -5.18 -4.20 19.57
CA VAL A 171 -4.64 -5.55 19.48
C VAL A 171 -5.75 -6.60 19.64
N THR A 172 -5.71 -7.67 18.86
CA THR A 172 -6.73 -8.73 18.92
C THR A 172 -6.76 -9.50 20.24
N GLU A 173 -7.94 -10.00 20.60
CA GLU A 173 -8.15 -10.77 21.83
C GLU A 173 -6.98 -11.70 22.11
N GLU A 174 -6.61 -12.48 21.10
CA GLU A 174 -5.52 -13.45 21.17
C GLU A 174 -4.18 -12.84 21.58
N THR A 175 -3.75 -11.83 20.84
CA THR A 175 -2.48 -11.15 21.11
C THR A 175 -2.47 -10.42 22.44
N SER A 176 -3.64 -9.94 22.87
CA SER A 176 -3.76 -9.21 24.13
C SER A 176 -3.30 -10.09 25.30
N LEU A 177 -3.64 -11.38 25.21
CA LEU A 177 -3.28 -12.35 26.24
C LEU A 177 -1.78 -12.52 26.32
N ILE A 178 -1.15 -12.77 25.17
CA ILE A 178 0.30 -12.96 25.10
C ILE A 178 0.99 -11.73 25.68
N LEU A 179 0.38 -10.57 25.44
CA LEU A 179 0.92 -9.31 25.94
C LEU A 179 0.86 -9.26 27.46
N GLN A 180 -0.22 -9.76 28.02
CA GLN A 180 -0.39 -9.79 29.48
C GLN A 180 0.64 -10.73 30.07
N THR A 181 0.92 -11.82 29.35
CA THR A 181 1.90 -12.80 29.76
C THR A 181 3.28 -12.13 29.87
N LEU A 182 3.45 -11.06 29.10
CA LEU A 182 4.70 -10.31 29.09
C LEU A 182 4.71 -9.16 30.09
N GLY A 183 3.56 -8.54 30.33
CA GLY A 183 3.48 -7.45 31.28
C GLY A 183 2.63 -6.26 30.88
N TYR A 184 2.06 -6.31 29.67
CA TYR A 184 1.23 -5.22 29.14
C TYR A 184 -0.21 -5.11 29.63
N THR A 185 -0.54 -3.95 30.20
CA THR A 185 -1.90 -3.66 30.68
C THR A 185 -2.76 -3.67 29.44
N CYS A 186 -3.85 -4.43 29.45
CA CYS A 186 -4.68 -4.49 28.26
C CYS A 186 -6.18 -4.32 28.43
N THR A 187 -6.83 -3.07 27.88
CA THR A 187 -8.21 -2.70 28.09
C THR A 187 -9.21 -3.48 27.23
N CYS A 188 -10.05 -2.80 26.46
CA CYS A 188 -11.07 -3.44 25.63
C CYS A 188 -11.91 -2.40 24.85
N PHE A 204 -6.64 -2.56 23.49
CA PHE A 204 -5.70 -1.41 23.52
C PHE A 204 -4.58 -1.67 24.51
N VAL A 205 -3.33 -1.78 24.02
CA VAL A 205 -2.20 -2.01 24.90
C VAL A 205 -1.72 -0.71 25.55
N ASN A 206 -0.98 -0.85 26.66
CA ASN A 206 -0.46 0.29 27.40
C ASN A 206 0.47 -0.22 28.51
N GLU B 5 20.01 12.69 2.98
CA GLU B 5 19.52 13.91 3.66
C GLU B 5 18.57 14.69 2.75
N GLU B 6 18.76 14.52 1.44
CA GLU B 6 17.94 15.20 0.43
C GLU B 6 16.77 14.33 0.00
N LEU B 7 15.57 14.95 -0.07
CA LEU B 7 14.38 14.25 -0.51
C LEU B 7 14.32 14.28 -2.03
N TYR B 8 14.40 13.10 -2.63
CA TYR B 8 14.39 12.90 -4.08
C TYR B 8 13.02 13.27 -4.64
N HIS B 9 12.91 14.33 -5.42
CA HIS B 9 11.61 14.71 -5.94
C HIS B 9 11.70 15.32 -7.31
N GLN B 10 10.60 15.20 -8.05
CA GLN B 10 10.47 15.71 -9.41
C GLN B 10 8.99 15.96 -9.57
N SER B 11 8.61 17.16 -9.97
CA SER B 11 7.19 17.42 -10.17
C SER B 11 6.89 17.22 -11.64
N TYR B 12 5.67 16.78 -11.91
CA TYR B 12 5.21 16.55 -13.27
C TYR B 12 3.83 17.16 -13.30
N ASP B 13 3.43 17.69 -14.43
CA ASP B 13 2.08 18.20 -14.50
C ASP B 13 1.39 17.36 -15.55
N CYS B 14 0.12 17.09 -15.32
CA CYS B 14 -0.67 16.29 -16.23
C CYS B 14 -0.09 14.89 -16.45
N VAL B 15 -0.32 14.01 -15.48
CA VAL B 15 0.09 12.61 -15.57
C VAL B 15 -1.18 11.85 -15.23
N CYS B 16 -1.48 10.81 -16.00
CA CYS B 16 -2.65 10.01 -15.74
C CYS B 16 -2.25 8.87 -14.80
N VAL B 17 -2.89 8.82 -13.63
CA VAL B 17 -2.62 7.76 -12.64
C VAL B 17 -3.83 6.86 -12.44
N MET B 18 -3.58 5.55 -12.49
CA MET B 18 -4.62 4.53 -12.35
C MET B 18 -4.50 3.59 -11.16
N PHE B 19 -5.60 3.35 -10.48
CA PHE B 19 -5.60 2.41 -9.38
C PHE B 19 -6.54 1.30 -9.81
N ALA B 20 -5.97 0.21 -10.30
CA ALA B 20 -6.74 -0.92 -10.76
C ALA B 20 -6.79 -2.03 -9.72
N SER B 21 -7.90 -2.13 -9.00
CA SER B 21 -8.01 -3.18 -8.01
C SER B 21 -9.04 -4.27 -8.30
N ILE B 22 -8.74 -5.43 -7.73
CA ILE B 22 -9.52 -6.67 -7.75
C ILE B 22 -10.14 -6.74 -6.34
N PRO B 23 -11.27 -6.06 -6.10
CA PRO B 23 -11.91 -6.06 -4.79
C PRO B 23 -12.41 -7.38 -4.22
N ASP B 24 -12.65 -8.39 -5.04
CA ASP B 24 -13.13 -9.67 -4.48
C ASP B 24 -12.02 -10.63 -4.07
N PHE B 25 -10.78 -10.27 -4.38
CA PHE B 25 -9.64 -11.13 -4.05
C PHE B 25 -9.44 -11.40 -2.56
N LYS B 26 -9.85 -10.46 -1.72
CA LYS B 26 -9.69 -10.59 -0.27
C LYS B 26 -10.62 -11.65 0.27
N GLU B 27 -11.74 -11.85 -0.43
CA GLU B 27 -12.75 -12.86 -0.06
C GLU B 27 -12.27 -14.25 -0.54
N PHE B 28 -11.78 -14.30 -1.76
CA PHE B 28 -11.24 -15.52 -2.36
C PHE B 28 -10.16 -16.16 -1.46
N TYR B 29 -9.01 -15.47 -1.32
CA TYR B 29 -7.90 -15.91 -0.43
C TYR B 29 -8.45 -16.65 0.82
N THR B 30 -7.99 -17.86 1.13
CA THR B 30 -8.54 -18.59 2.29
C THR B 30 -7.67 -19.26 3.34
N GLU B 31 -6.54 -19.85 2.95
CA GLU B 31 -5.67 -20.53 3.91
C GLU B 31 -6.23 -21.77 4.60
N SER B 32 -6.07 -22.93 3.97
CA SER B 32 -6.52 -24.23 4.51
C SER B 32 -6.55 -25.39 3.52
N ASP B 33 -5.83 -26.47 3.85
CA ASP B 33 -5.74 -27.71 3.06
C ASP B 33 -5.66 -27.58 1.54
N VAL B 34 -6.80 -27.28 0.93
CA VAL B 34 -6.95 -27.13 -0.52
C VAL B 34 -6.02 -26.05 -1.10
N ASN B 35 -5.87 -24.95 -0.36
CA ASN B 35 -5.04 -23.84 -0.78
C ASN B 35 -3.56 -23.94 -0.41
N LYS B 36 -3.25 -24.68 0.65
CA LYS B 36 -1.87 -24.81 1.17
C LYS B 36 -1.62 -23.61 2.10
N GLU B 37 -2.66 -23.25 2.86
CA GLU B 37 -2.60 -22.17 3.81
C GLU B 37 -2.28 -20.85 3.12
N GLY B 38 -2.96 -20.59 2.01
CA GLY B 38 -2.76 -19.34 1.30
C GLY B 38 -1.85 -19.38 0.09
N LEU B 39 -0.81 -20.19 0.14
CA LEU B 39 0.15 -20.27 -0.96
C LEU B 39 -0.42 -20.42 -2.35
N GLU B 40 -1.53 -21.15 -2.49
CA GLU B 40 -2.13 -21.30 -3.82
C GLU B 40 -2.71 -19.97 -4.29
N CYS B 41 -3.26 -19.19 -3.37
CA CYS B 41 -3.83 -17.89 -3.70
C CYS B 41 -2.74 -16.90 -4.12
N LEU B 42 -1.64 -16.86 -3.37
CA LEU B 42 -0.57 -15.94 -3.72
C LEU B 42 -0.03 -16.25 -5.09
N ARG B 43 -0.01 -17.54 -5.45
CA ARG B 43 0.48 -17.96 -6.76
C ARG B 43 -0.42 -17.43 -7.86
N LEU B 44 -1.73 -17.47 -7.62
CA LEU B 44 -2.69 -16.95 -8.59
C LEU B 44 -2.44 -15.43 -8.72
N LEU B 45 -2.39 -14.74 -7.56
CA LEU B 45 -2.16 -13.31 -7.54
C LEU B 45 -0.85 -13.01 -8.24
N ASN B 46 0.17 -13.81 -7.97
CA ASN B 46 1.45 -13.62 -8.61
C ASN B 46 1.29 -13.78 -10.11
N GLU B 47 0.39 -14.68 -10.48
CA GLU B 47 0.13 -14.95 -11.89
C GLU B 47 -0.60 -13.79 -12.53
N ILE B 48 -1.55 -13.22 -11.78
CA ILE B 48 -2.35 -12.10 -12.27
C ILE B 48 -1.50 -10.86 -12.50
N ILE B 49 -0.65 -10.54 -11.52
CA ILE B 49 0.20 -9.37 -11.59
C ILE B 49 1.26 -9.51 -12.64
N ALA B 50 1.94 -10.65 -12.67
CA ALA B 50 2.98 -10.84 -13.66
C ALA B 50 2.44 -10.78 -15.07
N ASP B 51 1.15 -11.08 -15.22
CA ASP B 51 0.50 -11.03 -16.54
C ASP B 51 0.21 -9.60 -16.91
N PHE B 52 -0.18 -8.81 -15.91
CA PHE B 52 -0.45 -7.39 -16.13
C PHE B 52 0.88 -6.70 -16.52
N ASP B 53 1.95 -7.01 -15.79
CA ASP B 53 3.26 -6.43 -16.05
C ASP B 53 3.67 -6.70 -17.49
N ASP B 54 3.31 -7.88 -17.98
CA ASP B 54 3.69 -8.26 -19.33
C ASP B 54 3.13 -7.32 -20.41
N LEU B 55 2.09 -6.57 -20.08
CA LEU B 55 1.49 -5.61 -21.01
C LEU B 55 2.44 -4.43 -21.19
N LEU B 56 3.18 -4.11 -20.13
CA LEU B 56 4.12 -2.98 -20.17
C LEU B 56 5.16 -3.16 -21.26
N SER B 57 5.37 -4.40 -21.70
CA SER B 57 6.34 -4.72 -22.75
C SER B 57 5.78 -4.46 -24.12
N LYS B 58 4.49 -4.22 -24.20
CA LYS B 58 3.87 -3.95 -25.49
C LYS B 58 4.21 -2.52 -25.85
N PRO B 59 4.70 -2.29 -27.08
CA PRO B 59 5.07 -0.96 -27.56
C PRO B 59 3.88 -0.01 -27.36
N LYS B 60 2.69 -0.56 -27.55
CA LYS B 60 1.41 0.16 -27.39
C LYS B 60 1.34 0.87 -26.04
N PHE B 61 2.04 0.31 -25.04
CA PHE B 61 2.08 0.83 -23.66
C PHE B 61 3.50 1.16 -23.18
N SER B 62 4.38 1.54 -24.10
CA SER B 62 5.76 1.88 -23.71
C SER B 62 5.76 3.10 -22.81
N GLY B 63 4.69 3.88 -22.89
CA GLY B 63 4.58 5.08 -22.08
C GLY B 63 3.94 4.84 -20.73
N VAL B 64 3.54 3.58 -20.46
CA VAL B 64 2.93 3.24 -19.18
C VAL B 64 4.03 2.89 -18.21
N GLU B 65 3.88 3.33 -16.97
CA GLU B 65 4.90 3.10 -15.96
C GLU B 65 4.23 2.50 -14.74
N LYS B 66 4.66 1.29 -14.39
CA LYS B 66 4.09 0.62 -13.25
C LYS B 66 4.79 1.24 -12.05
N ILE B 67 4.01 1.74 -11.09
CA ILE B 67 4.63 2.34 -9.91
C ILE B 67 4.93 1.17 -8.95
N LYS B 68 3.89 0.40 -8.64
CA LYS B 68 3.95 -0.75 -7.73
C LYS B 68 2.56 -1.32 -7.52
N THR B 69 2.46 -2.30 -6.63
CA THR B 69 1.18 -2.89 -6.31
C THR B 69 0.96 -2.79 -4.82
N ILE B 70 -0.30 -2.56 -4.43
CA ILE B 70 -0.64 -2.47 -3.02
C ILE B 70 -1.56 -3.67 -2.79
N GLY B 71 -0.97 -4.79 -2.36
CA GLY B 71 -1.75 -5.99 -2.16
C GLY B 71 -2.10 -6.50 -3.55
N SER B 72 -3.38 -6.48 -3.90
CA SER B 72 -3.76 -6.95 -5.21
C SER B 72 -4.02 -5.80 -6.13
N THR B 73 -3.95 -4.57 -5.59
CA THR B 73 -4.20 -3.37 -6.37
C THR B 73 -2.97 -3.02 -7.16
N TYR B 74 -3.20 -2.62 -8.42
CA TYR B 74 -2.14 -2.27 -9.36
C TYR B 74 -2.10 -0.75 -9.57
N MET B 75 -0.91 -0.16 -9.47
CA MET B 75 -0.79 1.28 -9.69
C MET B 75 0.19 1.54 -10.83
N ALA B 76 -0.30 2.25 -11.84
CA ALA B 76 0.47 2.62 -13.03
C ALA B 76 0.29 4.12 -13.44
N ALA B 77 1.04 4.56 -14.45
CA ALA B 77 0.88 5.95 -14.85
C ALA B 77 1.55 6.34 -16.14
N THR B 78 0.85 7.17 -16.90
CA THR B 78 1.38 7.72 -18.14
C THR B 78 1.68 9.18 -17.83
N GLY B 79 2.78 9.69 -18.37
CA GLY B 79 3.14 11.08 -18.18
C GLY B 79 4.40 11.34 -17.37
N LEU B 80 4.96 10.31 -16.75
CA LEU B 80 6.16 10.50 -15.95
C LEU B 80 7.38 10.69 -16.84
N SER B 81 7.09 10.91 -18.13
CA SER B 81 8.09 11.16 -19.18
C SER B 81 9.15 10.06 -19.36
N GLN B 95 -0.96 15.76 -22.43
CA GLN B 95 -2.04 16.57 -23.08
C GLN B 95 -3.36 15.83 -22.94
N TYR B 96 -3.39 14.65 -23.54
CA TYR B 96 -4.58 13.82 -23.53
C TYR B 96 -4.27 12.46 -24.14
N MET B 97 -3.29 12.37 -25.05
CA MET B 97 -3.04 11.08 -25.65
C MET B 97 -2.69 10.11 -24.53
N HIS B 98 -1.78 10.51 -23.66
CA HIS B 98 -1.37 9.65 -22.56
C HIS B 98 -2.49 9.36 -21.57
N ILE B 99 -3.60 10.10 -21.64
CA ILE B 99 -4.73 9.86 -20.76
C ILE B 99 -5.56 8.78 -21.42
N GLY B 100 -5.51 8.74 -22.75
CA GLY B 100 -6.23 7.74 -23.51
C GLY B 100 -5.46 6.44 -23.46
N THR B 101 -4.15 6.53 -23.28
CA THR B 101 -3.31 5.35 -23.20
C THR B 101 -3.58 4.60 -21.92
N MET B 102 -3.86 5.35 -20.86
CA MET B 102 -4.15 4.76 -19.57
C MET B 102 -5.45 3.97 -19.59
N VAL B 103 -6.41 4.39 -20.41
CA VAL B 103 -7.70 3.70 -20.53
C VAL B 103 -7.52 2.41 -21.35
N GLU B 104 -6.62 2.46 -22.32
CA GLU B 104 -6.34 1.31 -23.15
C GLU B 104 -5.61 0.26 -22.33
N PHE B 105 -4.81 0.73 -21.38
CA PHE B 105 -4.05 -0.15 -20.49
C PHE B 105 -4.97 -0.86 -19.50
N ALA B 106 -5.99 -0.15 -19.01
CA ALA B 106 -6.93 -0.73 -18.05
C ALA B 106 -7.81 -1.76 -18.76
N TYR B 107 -8.12 -1.50 -20.02
CA TYR B 107 -8.90 -2.44 -20.79
C TYR B 107 -8.03 -3.68 -20.91
N ALA B 108 -6.76 -3.46 -21.20
CA ALA B 108 -5.80 -4.53 -21.34
C ALA B 108 -5.63 -5.34 -20.05
N LEU B 109 -5.84 -4.71 -18.91
CA LEU B 109 -5.71 -5.42 -17.65
C LEU B 109 -6.91 -6.35 -17.51
N VAL B 110 -8.07 -5.86 -17.94
CA VAL B 110 -9.30 -6.65 -17.85
C VAL B 110 -9.20 -7.90 -18.71
N GLY B 111 -8.77 -7.73 -19.95
CA GLY B 111 -8.62 -8.85 -20.83
C GLY B 111 -7.62 -9.89 -20.34
N LYS B 112 -6.61 -9.47 -19.58
CA LYS B 112 -5.62 -10.41 -19.06
C LYS B 112 -6.20 -11.10 -17.85
N LEU B 113 -7.04 -10.39 -17.10
CA LEU B 113 -7.65 -10.97 -15.92
C LEU B 113 -8.63 -12.02 -16.40
N ASP B 114 -9.25 -11.76 -17.55
CA ASP B 114 -10.22 -12.68 -18.12
C ASP B 114 -9.56 -13.96 -18.57
N ALA B 115 -8.47 -13.85 -19.31
CA ALA B 115 -7.75 -15.03 -19.75
C ALA B 115 -7.35 -15.91 -18.54
N ILE B 116 -7.25 -15.29 -17.36
CA ILE B 116 -6.88 -15.99 -16.14
C ILE B 116 -8.08 -16.61 -15.46
N ASN B 117 -9.22 -15.93 -15.55
CA ASN B 117 -10.41 -16.43 -14.94
C ASN B 117 -10.86 -17.72 -15.62
N LYS B 118 -10.62 -17.82 -16.94
CA LYS B 118 -11.03 -19.00 -17.70
C LYS B 118 -10.04 -20.15 -17.64
N HIS B 119 -8.86 -19.91 -17.08
CA HIS B 119 -7.85 -20.95 -16.96
C HIS B 119 -7.78 -21.43 -15.50
N SER B 120 -8.11 -20.55 -14.56
CA SER B 120 -8.07 -20.91 -13.15
C SER B 120 -9.48 -21.12 -12.60
N PHE B 121 -10.47 -21.08 -13.46
CA PHE B 121 -11.88 -21.28 -13.10
C PHE B 121 -12.33 -20.35 -12.00
N ASN B 122 -12.07 -19.07 -12.24
CA ASN B 122 -12.40 -17.98 -11.31
C ASN B 122 -13.20 -16.93 -12.05
N ASP B 123 -13.82 -16.04 -11.28
CA ASP B 123 -14.60 -14.96 -11.86
C ASP B 123 -14.17 -13.61 -11.27
N PHE B 124 -12.91 -13.25 -11.40
CA PHE B 124 -12.41 -12.00 -10.88
C PHE B 124 -12.82 -10.82 -11.73
N LYS B 125 -13.03 -9.67 -11.08
CA LYS B 125 -13.41 -8.46 -11.78
C LYS B 125 -12.54 -7.27 -11.35
N LEU B 126 -12.09 -6.48 -12.34
CA LEU B 126 -11.25 -5.30 -12.08
C LEU B 126 -12.09 -4.05 -11.85
N ARG B 127 -11.69 -3.26 -10.88
CA ARG B 127 -12.41 -2.04 -10.56
C ARG B 127 -11.36 -0.92 -10.66
N VAL B 128 -11.33 -0.26 -11.82
CA VAL B 128 -10.37 0.79 -12.13
C VAL B 128 -10.77 2.23 -11.79
N GLY B 129 -9.80 3.02 -11.36
CA GLY B 129 -10.04 4.42 -11.03
C GLY B 129 -8.96 5.23 -11.73
N ILE B 130 -9.34 6.09 -12.67
CA ILE B 130 -8.35 6.90 -13.40
C ILE B 130 -8.54 8.40 -13.21
N ASN B 131 -7.43 9.12 -13.18
CA ASN B 131 -7.44 10.57 -13.01
C ASN B 131 -6.10 11.12 -13.51
N HIS B 132 -6.12 12.35 -14.02
CA HIS B 132 -4.90 12.97 -14.51
C HIS B 132 -4.67 14.29 -13.79
N GLY B 133 -3.42 14.77 -13.82
CA GLY B 133 -3.10 16.03 -13.17
C GLY B 133 -1.65 16.11 -12.72
N PRO B 134 -1.28 17.18 -12.00
CA PRO B 134 0.07 17.44 -11.48
C PRO B 134 0.40 16.41 -10.38
N VAL B 135 1.64 15.99 -10.30
CA VAL B 135 2.03 14.96 -9.38
C VAL B 135 3.47 15.20 -8.93
N ILE B 136 3.83 14.65 -7.77
CA ILE B 136 5.20 14.77 -7.28
C ILE B 136 5.69 13.34 -7.11
N ALA B 137 6.60 12.90 -7.96
CA ALA B 137 7.15 11.56 -7.80
C ALA B 137 8.29 11.76 -6.81
N GLY B 138 8.59 10.75 -5.99
CA GLY B 138 9.66 10.90 -5.03
C GLY B 138 9.86 9.66 -4.19
N VAL B 139 11.02 9.56 -3.57
CA VAL B 139 11.36 8.43 -2.71
C VAL B 139 11.34 8.81 -1.24
N ILE B 140 10.66 8.03 -0.41
CA ILE B 140 10.57 8.30 1.03
C ILE B 140 11.17 7.17 1.86
N GLY B 141 11.79 7.54 2.98
CA GLY B 141 12.35 6.54 3.88
C GLY B 141 13.77 6.12 3.65
N ALA B 142 14.51 5.95 4.75
CA ALA B 142 15.89 5.54 4.69
C ALA B 142 16.00 4.06 4.36
N GLN B 143 15.44 3.20 5.20
CA GLN B 143 15.49 1.79 4.92
C GLN B 143 14.42 1.49 3.92
N LYS B 144 14.69 0.55 3.01
CA LYS B 144 13.73 0.14 1.97
C LYS B 144 12.95 1.27 1.32
N PRO B 145 13.67 2.20 0.64
CA PRO B 145 13.17 3.39 -0.06
C PRO B 145 12.25 3.03 -1.20
N GLN B 146 11.08 3.66 -1.25
CA GLN B 146 10.10 3.38 -2.29
C GLN B 146 9.74 4.59 -3.15
N TYR B 147 9.63 4.38 -4.46
CA TYR B 147 9.29 5.45 -5.39
C TYR B 147 7.80 5.59 -5.56
N ASP B 148 7.17 6.57 -4.92
CA ASP B 148 5.74 6.73 -5.10
C ASP B 148 5.45 7.92 -6.02
N ILE B 149 4.18 8.26 -6.17
CA ILE B 149 3.65 9.35 -6.97
C ILE B 149 2.73 9.90 -5.89
N TRP B 150 3.05 11.10 -5.40
CA TRP B 150 2.26 11.71 -4.33
C TRP B 150 1.44 12.84 -4.88
N GLY B 151 0.44 13.28 -4.14
CA GLY B 151 -0.34 14.38 -4.64
C GLY B 151 -1.83 14.21 -4.49
N ASN B 152 -2.58 15.16 -5.02
CA ASN B 152 -4.03 15.10 -4.96
C ASN B 152 -4.60 14.41 -6.18
N THR B 153 -3.92 14.50 -7.32
CA THR B 153 -4.45 13.82 -8.48
C THR B 153 -4.37 12.33 -8.24
N VAL B 154 -3.45 11.94 -7.37
CA VAL B 154 -3.22 10.54 -7.05
C VAL B 154 -4.26 10.10 -6.06
N ASN B 155 -4.40 10.83 -4.96
CA ASN B 155 -5.41 10.48 -3.99
C ASN B 155 -6.80 10.48 -4.64
N VAL B 156 -6.98 11.23 -5.73
CA VAL B 156 -8.27 11.24 -6.41
C VAL B 156 -8.35 10.04 -7.36
N ALA B 157 -7.23 9.71 -8.02
CA ALA B 157 -7.20 8.55 -8.91
C ALA B 157 -7.60 7.39 -8.03
N SER B 158 -6.99 7.32 -6.85
CA SER B 158 -7.30 6.29 -5.90
C SER B 158 -8.75 6.34 -5.47
N ARG B 159 -9.29 7.53 -5.20
CA ARG B 159 -10.69 7.61 -4.79
C ARG B 159 -11.63 7.11 -5.87
N MET B 160 -11.24 7.30 -7.13
CA MET B 160 -12.06 6.83 -8.24
C MET B 160 -12.16 5.31 -8.19
N ASP B 161 -11.06 4.67 -7.83
CA ASP B 161 -10.99 3.22 -7.69
C ASP B 161 -11.83 2.78 -6.48
N SER B 162 -11.44 3.20 -5.28
CA SER B 162 -12.13 2.80 -4.06
C SER B 162 -13.63 3.06 -3.97
N THR B 163 -14.14 3.94 -4.83
CA THR B 163 -15.58 4.25 -4.85
C THR B 163 -16.10 3.86 -6.22
N GLY B 164 -15.28 3.11 -6.94
CA GLY B 164 -15.63 2.70 -8.27
C GLY B 164 -16.62 1.58 -8.30
N VAL B 165 -16.80 1.03 -9.50
CA VAL B 165 -17.73 -0.07 -9.74
C VAL B 165 -17.01 -1.23 -10.44
N LEU B 166 -17.29 -2.44 -9.99
CA LEU B 166 -16.71 -3.63 -10.57
C LEU B 166 -16.79 -3.62 -12.09
N ASP B 167 -15.73 -4.09 -12.71
CA ASP B 167 -15.65 -4.19 -14.16
C ASP B 167 -15.78 -2.88 -14.90
N LYS B 168 -15.76 -1.77 -14.16
CA LYS B 168 -15.87 -0.43 -14.75
C LYS B 168 -14.69 0.48 -14.42
N ILE B 169 -14.53 1.54 -15.21
CA ILE B 169 -13.45 2.52 -15.01
C ILE B 169 -14.11 3.81 -14.57
N GLN B 170 -13.98 4.19 -13.32
CA GLN B 170 -14.57 5.45 -12.90
C GLN B 170 -13.56 6.55 -13.23
N VAL B 171 -14.05 7.72 -13.65
CA VAL B 171 -13.20 8.85 -14.04
C VAL B 171 -13.84 10.18 -13.62
N THR B 172 -13.03 11.11 -13.10
CA THR B 172 -13.53 12.42 -12.67
C THR B 172 -14.08 13.28 -13.80
N GLU B 173 -15.03 14.15 -13.45
CA GLU B 173 -15.67 15.06 -14.41
C GLU B 173 -14.66 15.64 -15.40
N GLU B 174 -13.57 16.17 -14.85
CA GLU B 174 -12.49 16.78 -15.62
C GLU B 174 -11.89 15.84 -16.68
N THR B 175 -11.43 14.67 -16.22
CA THR B 175 -10.80 13.67 -17.11
C THR B 175 -11.77 13.10 -18.13
N SER B 176 -13.05 13.05 -17.77
CA SER B 176 -14.07 12.51 -18.66
C SER B 176 -14.13 13.31 -19.95
N LEU B 177 -13.99 14.63 -19.81
CA LEU B 177 -14.01 15.56 -20.94
C LEU B 177 -12.85 15.30 -21.88
N ILE B 178 -11.63 15.25 -21.34
CA ILE B 178 -10.43 15.00 -22.13
C ILE B 178 -10.60 13.69 -22.88
N LEU B 179 -11.24 12.73 -22.23
CA LEU B 179 -11.48 11.43 -22.83
C LEU B 179 -12.41 11.54 -24.03
N GLN B 180 -13.44 12.38 -23.90
CA GLN B 180 -14.38 12.60 -25.00
C GLN B 180 -13.64 13.25 -26.16
N THR B 181 -12.71 14.13 -25.83
CA THR B 181 -11.89 14.83 -26.82
C THR B 181 -11.11 13.80 -27.62
N LEU B 182 -10.86 12.66 -27.01
CA LEU B 182 -10.11 11.57 -27.64
C LEU B 182 -11.01 10.58 -28.36
N GLY B 183 -12.22 10.34 -27.83
CA GLY B 183 -13.13 9.41 -28.47
C GLY B 183 -13.88 8.46 -27.55
N TYR B 184 -13.48 8.41 -26.29
CA TYR B 184 -14.11 7.54 -25.31
C TYR B 184 -15.45 8.08 -24.80
N THR B 185 -16.53 7.36 -25.10
CA THR B 185 -17.86 7.74 -24.65
C THR B 185 -18.01 7.36 -23.18
N CYS B 186 -17.95 8.36 -22.29
CA CYS B 186 -18.05 8.09 -20.86
C CYS B 186 -19.44 8.26 -20.28
N THR B 187 -19.98 7.17 -19.74
CA THR B 187 -21.31 7.15 -19.14
C THR B 187 -21.41 8.03 -17.90
N CYS B 188 -22.42 8.89 -17.86
CA CYS B 188 -22.64 9.79 -16.74
C CYS B 188 -23.23 9.07 -15.52
N THR B 202 -20.22 10.68 -11.51
CA THR B 202 -20.08 9.24 -11.81
C THR B 202 -19.93 8.98 -13.29
N TYR B 203 -18.75 9.25 -13.82
CA TYR B 203 -18.50 9.01 -15.23
C TYR B 203 -17.69 7.73 -15.30
N PHE B 204 -18.21 6.72 -15.99
CA PHE B 204 -17.51 5.46 -16.12
C PHE B 204 -17.13 5.28 -17.58
N VAL B 205 -16.56 4.13 -17.94
CA VAL B 205 -16.17 3.85 -19.33
C VAL B 205 -15.78 2.40 -19.64
N ASN B 206 -16.10 1.97 -20.86
CA ASN B 206 -15.80 0.63 -21.36
C ASN B 206 -16.02 0.56 -22.88
#